data_8OGB
#
_entry.id   8OGB
#
_cell.length_a   85.018
_cell.length_b   85.018
_cell.length_c   219.360
_cell.angle_alpha   90.000
_cell.angle_beta   90.000
_cell.angle_gamma   120.000
#
_symmetry.space_group_name_H-M   'P 61 2 2'
#
loop_
_entity.id
_entity.type
_entity.pdbx_description
1 polymer 'DDB1- and CUL4-associated factor 1'
2 non-polymer 1,2-ETHANEDIOL
3 non-polymer "~{N}'-[2-[1-(4-methoxyphenyl)cyclopropyl]-7-(4-methylpiperazin-1-yl)quinazolin-4-yl]ethane-1,2-diamine"
4 non-polymer 'DIMETHYL SULFOXIDE'
5 water water
#
_entity_poly.entity_id   1
_entity_poly.type   'polypeptide(L)'
_entity_poly.pdbx_seq_one_letter_code
;GGGREPKQRRQAPINFTSRLNRRASFPKYGGVDGGCFDRHLIFSRFRPISVFREANEDESGFTCCAFSARERFLMLGTCT
GQLKLYNVFSGQEEASYNCHNSAITHLEPSRDGSLLLTSATWSQPLSALWGMKSVFDMKHSFTEDHYVEFSKHSQDRVIG
TKGDIAHIYDIQTGNKLLTLFNPDLANNYKRNCATFNPTDDLVLNDGVLWDVRSALAIHKFDKFNMNISGVFHPNGLEVI
INTEIWDLRTFHLLHTVPALDQCRVVFNHTGTVMYGAMLQADDEDDLMEERMKSPFGSSFRTFNATDYKPIATIDVKRNI
FDLCTDTKDCYLAVIENQGSMDALNMDTVCRLYEVGRQRLAEDEDEE
;
_entity_poly.pdbx_strand_id   A
#
loop_
_chem_comp.id
_chem_comp.type
_chem_comp.name
_chem_comp.formula
DMS non-polymer 'DIMETHYL SULFOXIDE' 'C2 H6 O S'
EDO non-polymer 1,2-ETHANEDIOL 'C2 H6 O2'
VN5 non-polymer ~{N}'-[2-[1-(4-methoxyphenyl)cyclopropyl]-7-(4-methylpiperazin-1-yl)quinazolin-4-yl]ethane-1,2-diamine 'C25 H32 N6 O'
#
# COMPACT_ATOMS: atom_id res chain seq x y z
N PHE A 46 21.41 2.68 -5.58
CA PHE A 46 20.61 1.38 -5.37
C PHE A 46 21.49 0.20 -5.69
N ARG A 47 22.18 -0.29 -4.67
CA ARG A 47 23.08 -1.47 -4.69
C ARG A 47 22.33 -2.66 -4.11
N PRO A 48 22.03 -3.71 -4.91
CA PRO A 48 21.33 -4.89 -4.41
C PRO A 48 22.24 -5.63 -3.41
N ILE A 49 21.72 -5.97 -2.23
CA ILE A 49 22.56 -6.61 -1.14
C ILE A 49 21.89 -7.89 -0.64
N SER A 50 20.71 -8.20 -1.15
CA SER A 50 20.03 -9.51 -0.92
C SER A 50 19.08 -9.81 -2.07
N VAL A 51 18.80 -11.08 -2.28
CA VAL A 51 17.81 -11.51 -3.27
C VAL A 51 17.37 -12.91 -2.88
N PHE A 52 16.08 -13.20 -3.02
CA PHE A 52 15.58 -14.56 -2.74
C PHE A 52 14.21 -14.73 -3.39
N ARG A 53 13.84 -15.99 -3.53
CA ARG A 53 12.56 -16.43 -4.09
C ARG A 53 11.85 -17.32 -3.08
N GLU A 54 10.59 -17.59 -3.37
CA GLU A 54 9.70 -18.37 -2.48
C GLU A 54 10.27 -19.79 -2.43
N ALA A 55 10.60 -20.29 -1.25
CA ALA A 55 11.14 -21.67 -1.09
C ALA A 55 10.24 -22.70 -1.79
N ASN A 56 10.86 -23.59 -2.55
CA ASN A 56 10.23 -24.86 -3.00
C ASN A 56 9.10 -24.58 -4.00
N GLU A 57 9.05 -23.37 -4.54
CA GLU A 57 8.04 -23.08 -5.58
C GLU A 57 8.83 -22.89 -6.87
N ASP A 58 8.54 -23.63 -7.91
CA ASP A 58 9.19 -23.38 -9.21
C ASP A 58 8.60 -22.15 -9.85
N GLU A 59 7.39 -21.73 -9.45
CA GLU A 59 6.88 -20.40 -9.87
C GLU A 59 6.77 -19.58 -8.57
N SER A 60 7.77 -18.75 -8.28
CA SER A 60 7.84 -18.07 -6.98
C SER A 60 6.67 -17.08 -6.99
N GLY A 61 5.89 -17.07 -5.91
CA GLY A 61 4.59 -16.39 -5.91
C GLY A 61 4.51 -15.17 -5.02
N PHE A 62 5.63 -14.56 -4.63
CA PHE A 62 5.55 -13.33 -3.82
C PHE A 62 4.79 -12.25 -4.57
N THR A 63 3.82 -11.63 -3.89
CA THR A 63 2.98 -10.58 -4.50
C THR A 63 3.11 -9.24 -3.78
N CYS A 64 3.51 -9.23 -2.54
CA CYS A 64 3.55 -7.97 -1.78
C CYS A 64 4.46 -8.17 -0.57
N CYS A 65 4.95 -7.09 0.00
CA CYS A 65 5.93 -7.21 1.11
C CYS A 65 5.86 -5.99 2.01
N ALA A 66 6.25 -6.18 3.25
CA ALA A 66 6.43 -5.09 4.21
C ALA A 66 7.40 -5.61 5.22
N PHE A 67 8.22 -4.75 5.79
CA PHE A 67 9.07 -5.18 6.91
C PHE A 67 8.19 -5.43 8.14
N SER A 68 8.53 -6.45 8.90
CA SER A 68 7.91 -6.65 10.22
C SER A 68 8.55 -5.65 11.19
N ALA A 69 8.01 -5.55 12.41
CA ALA A 69 8.66 -4.84 13.53
C ALA A 69 10.04 -5.45 13.85
N ARG A 70 10.31 -6.71 13.49
CA ARG A 70 11.65 -7.35 13.68
C ARG A 70 12.47 -7.24 12.37
N GLU A 71 13.20 -6.12 12.27
CA GLU A 71 14.22 -5.67 11.27
C GLU A 71 14.65 -6.68 10.19
N ARG A 72 15.24 -7.82 10.61
CA ARG A 72 15.91 -8.79 9.68
C ARG A 72 14.82 -9.62 8.97
N PHE A 73 13.52 -9.34 9.21
CA PHE A 73 12.40 -10.24 8.82
C PHE A 73 11.42 -9.45 7.96
N LEU A 74 11.20 -9.96 6.77
CA LEU A 74 10.30 -9.38 5.76
C LEU A 74 9.05 -10.23 5.74
N MET A 75 7.92 -9.57 5.62
CA MET A 75 6.60 -10.20 5.49
C MET A 75 6.25 -10.14 4.04
N LEU A 76 5.81 -11.27 3.49
CA LEU A 76 5.42 -11.25 2.09
C LEU A 76 4.11 -12.00 1.92
N GLY A 77 3.26 -11.55 1.01
CA GLY A 77 2.06 -12.24 0.59
C GLY A 77 2.40 -13.03 -0.62
N THR A 78 1.60 -14.04 -0.93
CA THR A 78 1.75 -14.85 -2.15
C THR A 78 0.48 -14.89 -2.95
N CYS A 79 0.64 -15.33 -4.18
CA CYS A 79 -0.43 -15.36 -5.17
C CYS A 79 -1.35 -16.52 -4.78
N THR A 80 -1.02 -17.36 -3.79
CA THR A 80 -1.95 -18.44 -3.36
C THR A 80 -2.55 -18.14 -1.98
N GLY A 81 -2.27 -16.94 -1.46
CA GLY A 81 -2.95 -16.43 -0.26
C GLY A 81 -2.17 -16.65 1.02
N GLN A 82 -0.92 -17.06 0.93
CA GLN A 82 -0.12 -17.30 2.16
C GLN A 82 0.62 -16.02 2.56
N LEU A 83 0.73 -15.84 3.86
CA LEU A 83 1.61 -14.84 4.47
C LEU A 83 2.87 -15.63 4.83
N LYS A 84 4.00 -15.14 4.33
CA LYS A 84 5.31 -15.68 4.68
C LYS A 84 6.12 -14.67 5.45
N LEU A 85 6.97 -15.19 6.32
CA LEU A 85 8.02 -14.41 7.00
C LEU A 85 9.35 -14.96 6.51
N TYR A 86 10.14 -14.11 5.89
CA TYR A 86 11.50 -14.46 5.45
C TYR A 86 12.50 -13.64 6.26
N ASN A 87 13.63 -14.28 6.53
CA ASN A 87 14.89 -13.56 6.77
C ASN A 87 15.28 -12.87 5.46
N VAL A 88 15.38 -11.54 5.51
CA VAL A 88 15.49 -10.70 4.29
C VAL A 88 16.92 -10.78 3.79
N PHE A 89 17.87 -11.22 4.61
CA PHE A 89 19.28 -11.42 4.23
C PHE A 89 19.52 -12.85 3.76
N SER A 90 19.16 -13.90 4.48
CA SER A 90 19.52 -15.32 4.12
C SER A 90 18.50 -15.86 3.12
N GLY A 91 17.33 -15.25 2.99
CA GLY A 91 16.24 -15.79 2.17
C GLY A 91 15.61 -17.04 2.76
N GLN A 92 15.81 -17.32 4.03
CA GLN A 92 15.20 -18.49 4.70
C GLN A 92 13.74 -18.15 4.99
N GLU A 93 12.82 -19.06 4.64
CA GLU A 93 11.41 -18.96 5.06
C GLU A 93 11.33 -19.41 6.53
N GLU A 94 11.01 -18.48 7.41
CA GLU A 94 10.91 -18.65 8.87
C GLU A 94 9.49 -19.08 9.19
N ALA A 95 8.45 -18.68 8.44
CA ALA A 95 7.05 -18.97 8.80
C ALA A 95 6.09 -18.81 7.61
N SER A 96 4.93 -19.43 7.72
N SER A 96 4.92 -19.44 7.73
CA SER A 96 3.92 -19.49 6.63
CA SER A 96 3.92 -19.49 6.63
C SER A 96 2.53 -19.68 7.24
C SER A 96 2.54 -19.69 7.23
N TYR A 97 1.59 -18.82 6.87
CA TYR A 97 0.19 -18.90 7.33
C TYR A 97 -0.72 -18.86 6.10
N ASN A 98 -1.82 -19.60 6.11
CA ASN A 98 -2.87 -19.61 5.05
C ASN A 98 -3.85 -18.52 5.44
N CYS A 99 -3.78 -17.35 4.84
CA CYS A 99 -4.59 -16.20 5.28
C CYS A 99 -5.79 -16.06 4.35
N HIS A 100 -5.62 -16.25 3.05
CA HIS A 100 -6.71 -16.00 2.09
C HIS A 100 -6.73 -17.13 1.06
N ASN A 101 -7.77 -17.12 0.22
N ASN A 101 -7.80 -17.21 0.25
CA ASN A 101 -8.09 -18.17 -0.79
CA ASN A 101 -7.95 -18.24 -0.82
C ASN A 101 -7.70 -17.68 -2.18
C ASN A 101 -7.92 -17.52 -2.18
N SER A 102 -7.10 -16.49 -2.24
CA SER A 102 -6.70 -15.81 -3.49
C SER A 102 -5.44 -15.02 -3.13
N ALA A 103 -4.76 -14.50 -4.14
CA ALA A 103 -3.50 -13.77 -3.99
C ALA A 103 -3.67 -12.63 -3.00
N ILE A 104 -2.67 -12.44 -2.15
CA ILE A 104 -2.62 -11.25 -1.26
C ILE A 104 -2.14 -10.08 -2.08
N THR A 105 -2.84 -8.97 -2.08
CA THR A 105 -2.50 -7.76 -2.85
C THR A 105 -1.77 -6.77 -1.95
N HIS A 106 -1.96 -6.85 -0.64
CA HIS A 106 -1.48 -5.76 0.24
C HIS A 106 -1.36 -6.24 1.65
N LEU A 107 -0.32 -5.79 2.32
CA LEU A 107 -0.21 -6.06 3.77
C LEU A 107 0.39 -4.84 4.46
N GLU A 108 -0.03 -4.62 5.71
CA GLU A 108 0.44 -3.52 6.58
C GLU A 108 0.47 -4.03 8.00
N PRO A 109 1.68 -4.26 8.53
CA PRO A 109 1.85 -4.45 9.96
C PRO A 109 1.67 -3.14 10.72
N SER A 110 1.09 -3.25 11.89
CA SER A 110 1.06 -2.15 12.86
C SER A 110 2.51 -1.89 13.33
N ARG A 111 2.80 -0.65 13.69
CA ARG A 111 4.15 -0.23 14.17
C ARG A 111 4.57 -1.02 15.40
N ASP A 112 3.64 -1.32 16.30
CA ASP A 112 3.91 -2.02 17.57
C ASP A 112 4.12 -3.53 17.35
N GLY A 113 3.99 -4.06 16.15
CA GLY A 113 4.31 -5.50 15.96
C GLY A 113 3.20 -6.47 16.34
N SER A 114 2.07 -5.97 16.84
CA SER A 114 0.99 -6.84 17.37
C SER A 114 -0.07 -7.13 16.29
N LEU A 115 -0.21 -6.32 15.25
CA LEU A 115 -1.31 -6.50 14.29
C LEU A 115 -0.78 -6.47 12.85
N LEU A 116 -1.56 -7.07 11.96
CA LEU A 116 -1.31 -7.11 10.50
C LEU A 116 -2.63 -7.01 9.77
N LEU A 117 -2.69 -6.09 8.83
CA LEU A 117 -3.76 -6.05 7.80
C LEU A 117 -3.25 -6.78 6.58
N THR A 118 -4.18 -7.47 5.91
CA THR A 118 -3.98 -8.11 4.61
C THR A 118 -5.18 -7.81 3.74
N SER A 119 -4.98 -7.71 2.43
CA SER A 119 -6.07 -7.76 1.43
C SER A 119 -5.79 -8.81 0.36
N ALA A 120 -6.86 -9.27 -0.29
CA ALA A 120 -6.81 -10.36 -1.28
C ALA A 120 -7.53 -9.93 -2.54
N THR A 121 -7.47 -10.75 -3.58
CA THR A 121 -8.07 -10.43 -4.90
C THR A 121 -9.55 -10.75 -4.94
N TRP A 122 -10.04 -11.99 -4.77
CA TRP A 122 -11.49 -12.28 -5.02
C TRP A 122 -12.10 -13.18 -3.92
N SER A 123 -11.35 -13.41 -2.85
CA SER A 123 -11.64 -14.35 -1.73
C SER A 123 -12.54 -13.63 -0.71
N GLN A 124 -13.24 -14.32 0.17
CA GLN A 124 -14.18 -13.68 1.14
C GLN A 124 -13.90 -14.22 2.54
N PRO A 125 -13.44 -13.44 3.54
CA PRO A 125 -13.31 -11.98 3.44
C PRO A 125 -12.16 -11.51 2.55
N LEU A 126 -12.39 -10.39 1.88
CA LEU A 126 -11.45 -9.73 0.96
C LEU A 126 -10.27 -9.09 1.70
N SER A 127 -10.44 -8.59 2.91
CA SER A 127 -9.36 -8.03 3.77
C SER A 127 -9.57 -8.57 5.17
N ALA A 128 -8.54 -8.53 6.02
CA ALA A 128 -8.62 -9.04 7.39
C ALA A 128 -7.56 -8.41 8.27
N LEU A 129 -7.82 -8.45 9.58
CA LEU A 129 -6.89 -8.00 10.63
C LEU A 129 -6.46 -9.23 11.41
N TRP A 130 -5.18 -9.36 11.72
CA TRP A 130 -4.59 -10.58 12.30
C TRP A 130 -3.77 -10.16 13.50
N GLY A 131 -3.95 -10.83 14.62
CA GLY A 131 -3.07 -10.67 15.80
C GLY A 131 -1.80 -11.46 15.60
N MET A 132 -0.66 -10.91 16.02
CA MET A 132 0.64 -11.60 15.90
C MET A 132 1.36 -11.80 17.24
N LYS A 133 0.68 -11.48 18.34
CA LYS A 133 1.19 -11.72 19.69
C LYS A 133 0.91 -13.18 20.00
N SER A 134 1.96 -13.97 20.29
CA SER A 134 1.91 -15.36 20.80
C SER A 134 1.51 -16.28 19.64
N VAL A 135 0.21 -16.32 19.32
CA VAL A 135 -0.42 -17.12 18.23
C VAL A 135 -0.84 -16.15 17.10
N PHE A 136 -0.59 -16.54 15.85
CA PHE A 136 -1.08 -15.85 14.63
C PHE A 136 -2.56 -16.20 14.43
N ASP A 137 -3.47 -15.23 14.41
CA ASP A 137 -4.90 -15.59 14.26
C ASP A 137 -5.69 -14.40 13.75
N MET A 138 -6.85 -14.64 13.16
CA MET A 138 -7.71 -13.57 12.65
C MET A 138 -8.39 -12.90 13.84
N LYS A 139 -8.31 -11.56 14.02
CA LYS A 139 -9.15 -10.83 14.97
C LYS A 139 -10.44 -10.38 14.28
N HIS A 140 -10.35 -9.68 13.15
CA HIS A 140 -11.54 -9.14 12.44
C HIS A 140 -11.31 -9.37 10.96
N SER A 141 -12.40 -9.41 10.23
CA SER A 141 -12.47 -9.64 8.79
C SER A 141 -13.23 -8.45 8.24
N PHE A 142 -12.82 -7.92 7.12
CA PHE A 142 -13.51 -6.80 6.43
C PHE A 142 -14.02 -7.41 5.13
N THR A 143 -15.26 -7.86 5.19
CA THR A 143 -15.86 -8.78 4.23
C THR A 143 -15.67 -8.25 2.81
N GLU A 144 -16.05 -7.04 2.44
CA GLU A 144 -15.88 -6.63 1.00
C GLU A 144 -14.96 -5.43 0.78
N ASP A 145 -14.09 -5.11 1.73
CA ASP A 145 -13.02 -4.13 1.52
C ASP A 145 -11.85 -4.78 0.78
N HIS A 146 -11.56 -4.32 -0.45
CA HIS A 146 -10.40 -4.73 -1.29
C HIS A 146 -9.13 -4.08 -0.77
N TYR A 147 -9.20 -3.04 0.04
CA TYR A 147 -7.98 -2.40 0.55
C TYR A 147 -8.24 -1.90 1.95
N VAL A 148 -7.22 -1.98 2.76
CA VAL A 148 -7.35 -1.56 4.18
C VAL A 148 -6.04 -0.92 4.60
N GLU A 149 -6.16 0.03 5.52
CA GLU A 149 -5.02 0.78 6.09
C GLU A 149 -5.36 1.04 7.53
N PHE A 150 -4.34 1.12 8.34
CA PHE A 150 -4.38 1.60 9.72
C PHE A 150 -4.44 3.12 9.70
N SER A 151 -5.10 3.63 10.74
CA SER A 151 -4.96 5.04 11.12
C SER A 151 -3.47 5.29 11.43
N LYS A 152 -3.04 6.53 11.48
CA LYS A 152 -1.60 6.90 11.36
C LYS A 152 -1.05 7.40 12.68
N HIS A 153 -1.72 8.32 13.34
CA HIS A 153 -1.15 8.94 14.56
C HIS A 153 -1.26 7.88 15.65
N SER A 154 -2.48 7.47 15.90
CA SER A 154 -2.80 6.40 16.86
C SER A 154 -3.37 5.25 16.05
N GLN A 155 -2.78 4.04 16.14
CA GLN A 155 -3.23 2.93 15.28
C GLN A 155 -4.38 2.15 15.97
N ASP A 156 -5.50 2.82 16.22
CA ASP A 156 -6.67 2.27 16.98
C ASP A 156 -7.83 2.01 16.00
N ARG A 157 -7.61 2.34 14.73
CA ARG A 157 -8.61 2.25 13.68
C ARG A 157 -8.01 1.72 12.39
N VAL A 158 -8.93 1.16 11.61
CA VAL A 158 -8.73 0.63 10.26
C VAL A 158 -9.69 1.36 9.32
N ILE A 159 -9.16 1.82 8.20
CA ILE A 159 -9.95 2.32 7.06
C ILE A 159 -9.84 1.38 5.88
N GLY A 160 -11.01 1.03 5.37
CA GLY A 160 -11.22 0.08 4.27
C GLY A 160 -11.97 0.72 3.11
N THR A 161 -11.71 0.23 1.93
CA THR A 161 -12.28 0.74 0.69
C THR A 161 -13.09 -0.36 0.05
N LYS A 162 -14.32 0.00 -0.30
CA LYS A 162 -15.18 -0.87 -1.08
C LYS A 162 -15.62 -0.09 -2.31
N GLY A 163 -14.88 -0.21 -3.40
CA GLY A 163 -15.15 0.66 -4.56
C GLY A 163 -15.04 2.13 -4.19
N ASP A 164 -16.13 2.87 -4.29
CA ASP A 164 -16.16 4.33 -4.03
C ASP A 164 -16.42 4.61 -2.55
N ILE A 165 -16.71 3.58 -1.74
CA ILE A 165 -17.08 3.75 -0.30
C ILE A 165 -15.86 3.48 0.61
N ALA A 166 -15.66 4.39 1.57
CA ALA A 166 -14.77 4.23 2.74
C ALA A 166 -15.55 3.72 3.97
N HIS A 167 -14.99 2.70 4.62
CA HIS A 167 -15.49 2.12 5.89
C HIS A 167 -14.42 2.37 6.94
N ILE A 168 -14.77 2.89 8.11
CA ILE A 168 -13.78 3.03 9.20
C ILE A 168 -14.18 2.08 10.29
N TYR A 169 -13.22 1.35 10.82
CA TYR A 169 -13.55 0.38 11.87
C TYR A 169 -12.73 0.64 13.11
N ASP A 170 -13.29 0.31 14.26
CA ASP A 170 -12.54 0.15 15.52
C ASP A 170 -11.75 -1.17 15.46
N ILE A 171 -10.48 -1.11 15.79
CA ILE A 171 -9.59 -2.29 15.91
C ILE A 171 -10.04 -3.22 17.04
N GLN A 172 -10.25 -2.65 18.20
CA GLN A 172 -10.61 -3.44 19.41
C GLN A 172 -11.97 -4.18 19.21
N THR A 173 -13.02 -3.53 18.72
CA THR A 173 -14.35 -4.21 18.51
C THR A 173 -14.53 -4.81 17.10
N GLY A 174 -13.85 -4.29 16.08
CA GLY A 174 -14.17 -4.66 14.70
C GLY A 174 -15.45 -3.99 14.18
N ASN A 175 -16.10 -3.14 14.97
CA ASN A 175 -17.34 -2.48 14.50
C ASN A 175 -16.99 -1.43 13.46
N LYS A 176 -17.86 -1.28 12.46
CA LYS A 176 -17.86 -0.18 11.48
C LYS A 176 -18.28 1.10 12.25
N LEU A 177 -17.40 2.07 12.43
CA LEU A 177 -17.72 3.38 13.06
C LEU A 177 -18.32 4.36 12.05
N LEU A 178 -17.92 4.29 10.79
CA LEU A 178 -18.36 5.26 9.77
C LEU A 178 -18.41 4.62 8.40
N THR A 179 -19.29 5.17 7.59
CA THR A 179 -19.37 4.93 6.15
C THR A 179 -19.26 6.31 5.49
N LEU A 180 -18.20 6.54 4.69
CA LEU A 180 -17.99 7.79 3.95
C LEU A 180 -18.19 7.49 2.47
N PHE A 181 -19.26 8.06 1.95
CA PHE A 181 -19.71 7.98 0.55
C PHE A 181 -20.76 9.06 0.32
N ASN A 182 -20.58 9.84 -0.74
CA ASN A 182 -21.58 10.82 -1.22
C ASN A 182 -21.59 10.64 -2.72
N PRO A 183 -22.72 10.17 -3.28
CA PRO A 183 -22.82 9.85 -4.71
C PRO A 183 -22.69 11.07 -5.65
N ASP A 184 -23.15 12.26 -5.20
CA ASP A 184 -22.99 13.56 -5.89
C ASP A 184 -21.52 14.02 -5.92
N LEU A 185 -20.72 13.67 -4.90
CA LEU A 185 -19.30 14.08 -4.84
C LEU A 185 -18.35 13.01 -5.39
N ALA A 186 -18.80 11.80 -5.63
CA ALA A 186 -17.95 10.68 -6.08
C ALA A 186 -17.16 11.05 -7.34
N ASN A 187 -15.94 10.59 -7.45
CA ASN A 187 -15.19 10.65 -8.71
C ASN A 187 -15.10 9.27 -9.35
N ASN A 188 -15.47 8.21 -8.63
CA ASN A 188 -15.49 6.82 -9.21
C ASN A 188 -14.10 6.46 -9.71
N TYR A 189 -13.07 6.85 -8.99
CA TYR A 189 -11.68 6.44 -9.29
C TYR A 189 -11.60 4.89 -9.27
N LYS A 190 -10.96 4.32 -10.27
CA LYS A 190 -10.96 2.86 -10.51
C LYS A 190 -9.99 2.21 -9.53
N ARG A 191 -8.99 2.91 -9.04
CA ARG A 191 -8.07 2.39 -8.03
C ARG A 191 -8.30 3.11 -6.71
N ASN A 192 -9.51 3.59 -6.42
CA ASN A 192 -9.74 4.34 -5.15
C ASN A 192 -9.20 3.57 -3.93
N CYS A 193 -8.39 4.19 -3.09
CA CYS A 193 -7.88 3.66 -1.81
C CYS A 193 -8.04 4.75 -0.80
N ALA A 194 -9.06 4.64 0.06
CA ALA A 194 -9.33 5.60 1.15
C ALA A 194 -8.18 5.57 2.14
N THR A 195 -7.85 6.73 2.68
CA THR A 195 -6.67 6.84 3.58
C THR A 195 -6.96 7.90 4.64
N PHE A 196 -6.36 7.74 5.80
CA PHE A 196 -6.31 8.81 6.82
C PHE A 196 -5.13 9.73 6.61
N ASN A 197 -5.25 10.97 7.07
CA ASN A 197 -4.15 11.95 7.10
C ASN A 197 -3.26 11.64 8.29
N PRO A 198 -2.11 12.35 8.48
CA PRO A 198 -1.18 11.99 9.57
C PRO A 198 -1.75 12.18 10.95
N THR A 199 -2.79 12.99 11.13
CA THR A 199 -3.33 13.21 12.47
C THR A 199 -4.68 12.49 12.65
N ASP A 200 -5.15 11.74 11.68
CA ASP A 200 -6.35 10.86 11.75
C ASP A 200 -7.64 11.66 11.80
N ASP A 201 -7.62 12.99 11.61
CA ASP A 201 -8.87 13.77 11.73
C ASP A 201 -9.57 13.86 10.37
N LEU A 202 -8.87 13.54 9.28
CA LEU A 202 -9.37 13.64 7.90
C LEU A 202 -9.19 12.30 7.20
N VAL A 203 -10.07 12.05 6.24
CA VAL A 203 -9.98 10.91 5.31
C VAL A 203 -10.05 11.45 3.89
N LEU A 204 -9.20 10.92 3.03
CA LEU A 204 -9.30 11.09 1.59
C LEU A 204 -9.90 9.81 1.03
N ASN A 205 -11.05 9.96 0.38
CA ASN A 205 -11.83 8.86 -0.25
C ASN A 205 -12.34 9.35 -1.58
N ASP A 206 -11.84 8.73 -2.66
CA ASP A 206 -12.39 8.94 -4.02
C ASP A 206 -12.26 10.43 -4.39
N GLY A 207 -11.17 11.04 -3.93
CA GLY A 207 -10.79 12.44 -4.14
C GLY A 207 -11.64 13.43 -3.37
N VAL A 208 -12.38 12.95 -2.40
CA VAL A 208 -13.17 13.77 -1.48
C VAL A 208 -12.51 13.75 -0.12
N LEU A 209 -12.31 14.94 0.42
CA LEU A 209 -11.77 15.17 1.76
C LEU A 209 -12.89 15.21 2.80
N TRP A 210 -12.83 14.31 3.78
CA TRP A 210 -13.83 14.15 4.84
C TRP A 210 -13.23 14.50 6.22
N ASP A 211 -14.02 15.21 6.99
CA ASP A 211 -13.79 15.40 8.43
C ASP A 211 -14.35 14.19 9.13
N VAL A 212 -13.56 13.50 9.91
CA VAL A 212 -13.96 12.20 10.49
C VAL A 212 -14.97 12.47 11.63
N ARG A 213 -14.76 13.48 12.44
CA ARG A 213 -15.55 13.68 13.66
C ARG A 213 -17.01 13.94 13.26
N SER A 214 -17.23 14.77 12.27
CA SER A 214 -18.56 15.24 11.82
C SER A 214 -19.07 14.37 10.66
N ALA A 215 -18.21 13.54 10.04
CA ALA A 215 -18.50 12.74 8.83
C ALA A 215 -19.04 13.68 7.75
N LEU A 216 -18.44 14.84 7.63
CA LEU A 216 -18.80 15.86 6.63
C LEU A 216 -17.78 15.84 5.48
N ALA A 217 -18.21 15.96 4.24
CA ALA A 217 -17.31 16.24 3.11
C ALA A 217 -16.96 17.69 3.21
N ILE A 218 -15.70 18.02 3.31
CA ILE A 218 -15.29 19.44 3.35
C ILE A 218 -14.82 19.88 1.97
N HIS A 219 -14.39 19.00 1.09
CA HIS A 219 -13.94 19.44 -0.24
C HIS A 219 -13.96 18.26 -1.18
N LYS A 220 -14.32 18.52 -2.41
CA LYS A 220 -14.11 17.56 -3.49
C LYS A 220 -13.05 18.11 -4.43
N PHE A 221 -11.96 17.38 -4.58
CA PHE A 221 -10.97 17.66 -5.63
C PHE A 221 -11.53 17.15 -6.96
N ASP A 222 -11.48 18.00 -7.96
CA ASP A 222 -11.96 17.66 -9.31
C ASP A 222 -11.17 16.48 -9.89
N LYS A 223 -11.84 15.77 -10.79
CA LYS A 223 -11.31 14.52 -11.38
C LYS A 223 -10.50 14.86 -12.66
N PHE A 224 -9.23 14.49 -12.68
CA PHE A 224 -8.27 14.77 -13.79
C PHE A 224 -7.56 13.50 -14.20
N ASN A 225 -7.97 12.34 -13.73
CA ASN A 225 -7.52 11.03 -14.27
C ASN A 225 -8.58 9.98 -13.89
N MET A 226 -8.44 8.75 -14.41
CA MET A 226 -9.56 7.78 -14.29
C MET A 226 -9.33 6.90 -13.07
N ASN A 227 -8.10 6.82 -12.55
CA ASN A 227 -7.58 5.68 -11.72
C ASN A 227 -7.13 6.08 -10.32
N ILE A 228 -6.27 7.07 -10.20
CA ILE A 228 -5.54 7.34 -8.95
C ILE A 228 -6.35 8.30 -8.10
N SER A 229 -6.61 7.93 -6.86
CA SER A 229 -7.48 8.69 -5.93
C SER A 229 -6.63 9.61 -5.06
N GLY A 230 -5.41 9.22 -4.69
CA GLY A 230 -4.46 10.08 -3.96
C GLY A 230 -4.05 9.65 -2.56
N VAL A 231 -3.05 10.32 -2.04
CA VAL A 231 -2.50 10.16 -0.68
C VAL A 231 -2.29 11.55 -0.04
N PHE A 232 -2.14 11.54 1.26
CA PHE A 232 -1.66 12.67 2.06
C PHE A 232 -0.14 12.62 2.07
N HIS A 233 0.45 13.80 2.02
CA HIS A 233 1.86 13.99 2.31
C HIS A 233 1.97 13.77 3.80
N PRO A 234 3.04 13.07 4.25
CA PRO A 234 3.28 12.90 5.68
C PRO A 234 3.45 14.25 6.39
N ASN A 235 3.71 15.35 5.68
CA ASN A 235 3.80 16.67 6.37
C ASN A 235 2.41 17.14 6.76
N GLY A 236 1.34 16.53 6.24
CA GLY A 236 -0.01 16.98 6.59
C GLY A 236 -0.45 18.31 5.97
N LEU A 237 0.30 18.92 5.05
CA LEU A 237 -0.12 20.22 4.50
C LEU A 237 -0.67 20.08 3.10
N GLU A 238 -0.57 18.92 2.46
CA GLU A 238 -0.72 18.74 1.01
C GLU A 238 -1.30 17.37 0.74
N VAL A 239 -1.99 17.23 -0.37
N VAL A 239 -2.02 17.23 -0.34
CA VAL A 239 -2.45 15.91 -0.88
CA VAL A 239 -2.38 15.87 -0.87
C VAL A 239 -2.00 15.75 -2.33
C VAL A 239 -1.85 15.77 -2.29
N ILE A 240 -1.61 14.53 -2.70
CA ILE A 240 -1.00 14.18 -4.00
C ILE A 240 -2.04 13.34 -4.70
N ILE A 241 -2.77 13.89 -5.66
CA ILE A 241 -3.78 13.16 -6.44
C ILE A 241 -3.25 13.07 -7.88
N ASN A 242 -2.60 11.93 -8.18
CA ASN A 242 -2.07 11.68 -9.52
C ASN A 242 -1.07 12.80 -9.81
N THR A 243 -1.32 13.71 -10.77
CA THR A 243 -0.26 14.65 -11.15
C THR A 243 -0.42 15.96 -10.40
N GLU A 244 -1.39 16.07 -9.50
CA GLU A 244 -1.75 17.37 -8.92
C GLU A 244 -1.39 17.31 -7.45
N ILE A 245 -0.64 18.31 -6.98
CA ILE A 245 -0.36 18.46 -5.54
C ILE A 245 -1.25 19.63 -5.10
N TRP A 246 -2.17 19.38 -4.18
CA TRP A 246 -3.14 20.36 -3.68
C TRP A 246 -2.80 20.73 -2.25
N ASP A 247 -2.86 22.03 -1.94
CA ASP A 247 -2.82 22.59 -0.58
C ASP A 247 -4.07 22.15 0.20
N LEU A 248 -3.91 21.78 1.46
CA LEU A 248 -5.06 21.27 2.24
C LEU A 248 -5.82 22.40 2.91
N ARG A 249 -5.32 23.64 2.87
CA ARG A 249 -6.02 24.78 3.52
C ARG A 249 -6.78 25.59 2.46
N THR A 250 -6.15 25.89 1.33
CA THR A 250 -6.68 26.76 0.28
C THR A 250 -7.27 25.91 -0.87
N PHE A 251 -6.85 24.64 -1.00
CA PHE A 251 -7.24 23.68 -2.07
C PHE A 251 -6.67 24.20 -3.37
N HIS A 252 -5.65 25.05 -3.25
CA HIS A 252 -4.88 25.55 -4.40
C HIS A 252 -4.03 24.45 -5.01
N LEU A 253 -3.74 24.58 -6.30
CA LEU A 253 -2.81 23.66 -6.95
C LEU A 253 -1.42 24.17 -6.61
N LEU A 254 -0.56 23.34 -6.03
CA LEU A 254 0.82 23.73 -5.65
C LEU A 254 1.84 23.23 -6.65
N HIS A 255 1.64 22.07 -7.24
CA HIS A 255 2.61 21.52 -8.21
C HIS A 255 1.79 20.71 -9.21
N THR A 256 2.24 20.71 -10.45
CA THR A 256 1.85 19.79 -11.53
C THR A 256 3.07 18.91 -11.75
N VAL A 257 2.93 17.63 -11.61
CA VAL A 257 4.08 16.69 -11.70
C VAL A 257 3.65 15.59 -12.64
N PRO A 258 3.78 15.87 -13.95
CA PRO A 258 3.31 14.94 -14.98
C PRO A 258 4.02 13.60 -14.87
N ALA A 259 5.25 13.58 -14.41
CA ALA A 259 5.97 12.30 -14.19
C ALA A 259 5.22 11.35 -13.24
N LEU A 260 4.33 11.85 -12.37
CA LEU A 260 3.60 11.00 -11.38
C LEU A 260 2.36 10.35 -12.00
N ASP A 261 2.08 10.54 -13.28
CA ASP A 261 0.82 10.03 -13.90
C ASP A 261 0.66 8.51 -13.74
N GLN A 262 -0.40 8.06 -13.08
CA GLN A 262 -0.78 6.63 -12.99
C GLN A 262 0.19 5.95 -12.00
N CYS A 263 0.87 6.70 -11.14
CA CYS A 263 1.79 6.18 -10.11
C CYS A 263 1.12 5.95 -8.76
N ARG A 264 1.36 4.79 -8.15
CA ARG A 264 1.15 4.52 -6.72
C ARG A 264 2.37 5.08 -5.97
N VAL A 265 2.12 5.96 -5.04
CA VAL A 265 3.13 6.78 -4.35
C VAL A 265 3.23 6.32 -2.87
N VAL A 266 4.47 6.14 -2.43
N VAL A 266 4.43 6.06 -2.41
CA VAL A 266 4.90 5.69 -1.07
CA VAL A 266 4.68 5.90 -0.97
C VAL A 266 6.05 6.59 -0.58
C VAL A 266 5.91 6.73 -0.61
N PHE A 267 5.99 7.10 0.65
CA PHE A 267 7.11 7.89 1.20
C PHE A 267 8.00 6.95 1.99
N ASN A 268 9.20 7.41 2.19
CA ASN A 268 10.10 6.77 3.16
C ASN A 268 9.61 7.23 4.54
N HIS A 269 10.13 6.59 5.56
CA HIS A 269 9.70 6.81 6.97
C HIS A 269 10.10 8.23 7.37
N THR A 270 11.17 8.83 6.85
CA THR A 270 11.55 10.20 7.28
C THR A 270 10.73 11.24 6.49
N GLY A 271 9.87 10.82 5.57
CA GLY A 271 9.12 11.71 4.68
C GLY A 271 10.00 12.63 3.89
N THR A 272 11.18 12.21 3.45
CA THR A 272 12.05 13.07 2.60
C THR A 272 12.02 12.63 1.14
N VAL A 273 11.60 11.39 0.88
CA VAL A 273 11.65 10.84 -0.50
C VAL A 273 10.31 10.19 -0.78
N MET A 274 9.85 10.39 -2.01
CA MET A 274 8.57 9.83 -2.46
C MET A 274 8.94 8.86 -3.58
N TYR A 275 8.43 7.65 -3.50
CA TYR A 275 8.63 6.62 -4.52
C TYR A 275 7.36 6.51 -5.36
N GLY A 276 7.47 6.58 -6.69
CA GLY A 276 6.33 6.30 -7.58
C GLY A 276 6.56 5.08 -8.46
N ALA A 277 5.61 4.19 -8.53
CA ALA A 277 5.64 3.11 -9.51
C ALA A 277 4.38 3.29 -10.35
N MET A 278 4.57 3.37 -11.64
CA MET A 278 3.50 3.54 -12.62
C MET A 278 2.73 2.21 -12.76
N LEU A 279 1.42 2.29 -12.68
CA LEU A 279 0.50 1.21 -13.06
C LEU A 279 0.72 0.87 -14.51
N GLN A 280 0.62 -0.38 -14.91
CA GLN A 280 0.66 -0.61 -16.37
C GLN A 280 -0.79 -0.59 -16.85
N ALA A 281 -1.04 -0.12 -18.06
CA ALA A 281 -2.39 0.01 -18.66
C ALA A 281 -2.84 -1.37 -19.12
N MET A 292 0.10 -14.03 -14.49
CA MET A 292 -0.50 -13.40 -13.27
C MET A 292 -0.12 -11.91 -13.25
N LYS A 293 -0.92 -11.04 -13.88
CA LYS A 293 -0.61 -9.67 -14.37
C LYS A 293 -0.14 -8.76 -13.21
N SER A 294 1.05 -8.18 -13.34
CA SER A 294 1.52 -7.21 -12.31
C SER A 294 0.67 -5.96 -12.31
N PRO A 295 0.57 -5.29 -11.17
CA PRO A 295 -0.16 -4.02 -11.16
C PRO A 295 0.70 -2.88 -11.75
N PHE A 296 2.04 -2.99 -11.61
CA PHE A 296 3.03 -1.95 -12.03
C PHE A 296 3.85 -2.41 -13.22
N GLY A 297 4.58 -1.50 -13.86
CA GLY A 297 5.64 -1.78 -14.84
C GLY A 297 6.98 -2.01 -14.16
N SER A 298 8.04 -1.78 -14.88
CA SER A 298 9.38 -2.28 -14.53
C SER A 298 10.21 -1.16 -13.93
N SER A 299 9.61 0.01 -13.70
CA SER A 299 10.37 1.16 -13.17
C SER A 299 9.64 1.82 -12.01
N PHE A 300 10.44 2.46 -11.19
CA PHE A 300 9.98 3.43 -10.20
C PHE A 300 10.88 4.64 -10.28
N ARG A 301 10.32 5.71 -9.77
CA ARG A 301 10.89 7.05 -9.78
C ARG A 301 10.89 7.52 -8.34
N THR A 302 11.90 8.29 -7.96
CA THR A 302 11.98 8.98 -6.67
C THR A 302 11.93 10.49 -6.88
N PHE A 303 11.33 11.16 -5.91
CA PHE A 303 11.21 12.61 -5.86
C PHE A 303 11.60 13.10 -4.47
N ASN A 304 12.09 14.33 -4.42
CA ASN A 304 12.29 15.05 -3.17
C ASN A 304 10.88 15.35 -2.64
N ALA A 305 10.55 14.93 -1.43
CA ALA A 305 9.18 15.10 -0.84
C ALA A 305 8.87 16.57 -0.56
N THR A 306 9.89 17.42 -0.48
CA THR A 306 9.79 18.88 -0.17
C THR A 306 9.41 19.68 -1.41
N ASP A 307 10.16 19.55 -2.50
CA ASP A 307 9.91 20.35 -3.74
C ASP A 307 9.42 19.48 -4.90
N TYR A 308 9.34 18.14 -4.73
CA TYR A 308 8.84 17.22 -5.79
C TYR A 308 9.77 17.25 -7.00
N LYS A 309 11.02 17.63 -6.84
CA LYS A 309 11.95 17.42 -7.95
C LYS A 309 12.34 15.94 -8.04
N PRO A 310 12.42 15.44 -9.30
CA PRO A 310 12.90 14.10 -9.59
C PRO A 310 14.36 13.89 -9.10
N ILE A 311 14.59 12.75 -8.48
CA ILE A 311 15.93 12.37 -7.97
C ILE A 311 16.48 11.29 -8.92
N ALA A 312 15.77 10.17 -9.01
CA ALA A 312 16.13 9.08 -9.94
C ALA A 312 14.88 8.42 -10.54
N THR A 313 15.13 7.80 -11.69
CA THR A 313 14.26 6.86 -12.41
C THR A 313 15.02 5.54 -12.51
N ILE A 314 14.57 4.48 -11.86
CA ILE A 314 15.26 3.15 -11.96
C ILE A 314 14.35 2.19 -12.68
N ASP A 315 14.87 1.64 -13.76
CA ASP A 315 14.23 0.53 -14.52
C ASP A 315 14.94 -0.74 -14.09
N VAL A 316 14.31 -1.56 -13.25
CA VAL A 316 14.88 -2.88 -12.88
C VAL A 316 14.60 -3.88 -14.01
N LYS A 317 13.86 -3.50 -15.05
CA LYS A 317 13.64 -4.29 -16.30
C LYS A 317 12.81 -5.55 -16.04
N ARG A 318 12.14 -5.62 -14.92
CA ARG A 318 11.31 -6.77 -14.46
C ARG A 318 10.10 -6.09 -13.84
N ASN A 319 8.89 -6.56 -14.11
CA ASN A 319 7.68 -5.90 -13.57
C ASN A 319 7.75 -5.95 -12.04
N ILE A 320 7.39 -4.83 -11.44
CA ILE A 320 7.33 -4.67 -9.99
C ILE A 320 5.92 -4.96 -9.48
N PHE A 321 5.83 -5.73 -8.40
CA PHE A 321 4.60 -6.11 -7.68
C PHE A 321 4.46 -5.23 -6.46
N ASP A 322 5.57 -4.80 -5.88
CA ASP A 322 5.55 -4.05 -4.61
C ASP A 322 6.95 -3.60 -4.27
N LEU A 323 7.01 -2.60 -3.41
CA LEU A 323 8.26 -2.13 -2.85
C LEU A 323 7.97 -1.44 -1.53
N CYS A 324 8.95 -1.50 -0.60
CA CYS A 324 8.78 -0.87 0.72
C CYS A 324 10.16 -0.53 1.27
N THR A 325 10.20 0.18 2.37
CA THR A 325 11.45 0.54 3.05
C THR A 325 11.38 0.00 4.47
N ASP A 326 12.57 -0.19 5.05
CA ASP A 326 12.69 -0.39 6.50
C ASP A 326 12.44 0.96 7.16
N THR A 327 12.13 0.93 8.45
CA THR A 327 11.75 2.12 9.22
C THR A 327 12.93 3.08 9.27
N LYS A 328 14.18 2.63 9.15
CA LYS A 328 15.40 3.49 9.24
C LYS A 328 15.81 3.98 7.84
N ASP A 329 15.08 3.56 6.81
CA ASP A 329 15.22 4.05 5.42
C ASP A 329 16.60 3.69 4.86
N CYS A 330 17.20 2.59 5.28
CA CYS A 330 18.49 2.09 4.77
C CYS A 330 18.25 1.26 3.50
N TYR A 331 17.15 0.56 3.43
CA TYR A 331 16.93 -0.39 2.32
C TYR A 331 15.61 -0.16 1.63
N LEU A 332 15.54 -0.61 0.40
CA LEU A 332 14.31 -0.76 -0.39
C LEU A 332 14.18 -2.22 -0.82
N ALA A 333 13.11 -2.89 -0.38
CA ALA A 333 12.77 -4.21 -0.89
C ALA A 333 11.85 -4.01 -2.09
N VAL A 334 12.08 -4.81 -3.15
CA VAL A 334 11.28 -4.79 -4.38
C VAL A 334 10.89 -6.20 -4.76
N ILE A 335 9.62 -6.42 -5.05
CA ILE A 335 9.22 -7.73 -5.61
C ILE A 335 9.26 -7.51 -7.11
N GLU A 336 10.03 -8.32 -7.80
CA GLU A 336 10.36 -8.19 -9.23
C GLU A 336 9.99 -9.50 -9.90
N ASN A 337 9.24 -9.44 -10.98
CA ASN A 337 8.81 -10.67 -11.66
C ASN A 337 9.82 -11.10 -12.71
N GLN A 338 10.22 -12.34 -12.71
CA GLN A 338 11.10 -12.92 -13.76
C GLN A 338 10.22 -13.59 -14.81
N GLY A 339 10.52 -13.43 -16.07
CA GLY A 339 9.52 -13.85 -17.09
C GLY A 339 8.23 -13.02 -17.23
N SER A 340 7.46 -13.43 -18.23
CA SER A 340 6.69 -12.53 -19.11
C SER A 340 5.33 -12.22 -18.50
N MET A 341 4.82 -11.06 -18.93
CA MET A 341 3.38 -10.70 -18.80
C MET A 341 2.53 -11.91 -19.25
N ASP A 342 2.73 -12.37 -20.49
CA ASP A 342 2.00 -13.50 -21.15
C ASP A 342 2.57 -14.81 -20.64
N ALA A 343 2.31 -15.09 -19.36
CA ALA A 343 2.68 -16.36 -18.72
C ALA A 343 1.53 -16.77 -17.78
N LEU A 344 1.14 -18.05 -17.88
CA LEU A 344 0.20 -18.74 -16.96
C LEU A 344 0.49 -18.15 -15.57
N ASN A 345 1.75 -18.21 -15.16
CA ASN A 345 2.17 -17.74 -13.81
C ASN A 345 3.23 -16.61 -13.88
N MET A 346 3.45 -16.11 -12.69
CA MET A 346 4.51 -15.23 -12.28
C MET A 346 5.69 -16.06 -11.76
N ASP A 347 6.85 -15.43 -11.62
CA ASP A 347 8.01 -16.02 -10.93
C ASP A 347 8.80 -14.88 -10.29
N THR A 348 8.38 -14.44 -9.13
CA THR A 348 8.85 -13.19 -8.53
C THR A 348 10.03 -13.48 -7.62
N VAL A 349 10.89 -12.50 -7.49
CA VAL A 349 11.95 -12.53 -6.46
C VAL A 349 11.79 -11.25 -5.63
N CYS A 350 12.33 -11.33 -4.44
CA CYS A 350 12.54 -10.15 -3.60
C CYS A 350 14.02 -9.76 -3.65
N ARG A 351 14.26 -8.50 -3.98
CA ARG A 351 15.60 -7.93 -4.05
C ARG A 351 15.61 -6.84 -2.99
N LEU A 352 16.68 -6.77 -2.23
CA LEU A 352 16.90 -5.72 -1.25
C LEU A 352 18.04 -4.88 -1.78
N TYR A 353 17.80 -3.59 -1.87
CA TYR A 353 18.77 -2.59 -2.36
C TYR A 353 19.15 -1.70 -1.20
N GLU A 354 20.43 -1.37 -1.10
CA GLU A 354 20.89 -0.38 -0.13
C GLU A 354 20.71 0.98 -0.78
N VAL A 355 20.06 1.90 -0.10
CA VAL A 355 19.73 3.21 -0.73
C VAL A 355 20.89 4.22 -0.80
C1 EDO B . 4.21 1.37 -5.43
O1 EDO B . 4.92 2.37 -4.78
C2 EDO B . 3.94 0.23 -4.58
O2 EDO B . 2.97 0.60 -3.62
H11 EDO B . 4.71 1.07 -6.21
H12 EDO B . 3.35 1.74 -5.74
HO1 EDO B . 4.80 3.02 -5.48
H21 EDO B . 4.77 -0.05 -4.13
H22 EDO B . 3.62 -0.52 -5.12
HO2 EDO B . 3.33 1.06 -3.01
C1 VN5 C . -0.04 -7.92 -6.69
C2 VN5 C . -1.35 -8.05 -7.23
C3 VN5 C . -2.27 -7.01 -7.00
C11 VN5 C . -2.47 -3.85 -5.35
C12 VN5 C . -3.58 -2.81 -5.10
C13 VN5 C . -3.39 -1.43 -5.70
C14 VN5 C . -2.69 -1.23 -6.89
C15 VN5 C . -2.53 0.08 -7.37
C16 VN5 C . -3.07 1.19 -6.69
C17 VN5 C . -3.77 0.95 -5.51
C18 VN5 C . -3.92 -0.35 -5.00
C19 VN5 C . -5.02 -3.38 -4.74
C20 VN5 C . -4.12 -2.81 -3.62
C22 VN5 C . -3.18 3.63 -6.25
C24 VN5 C . -3.20 -9.49 -7.88
C25 VN5 C . -3.70 -10.59 -8.84
C27 VN5 C . -1.26 -11.33 -9.08
C28 VN5 C . -0.97 -10.44 -7.86
C29 VN5 C . -3.07 -12.20 -10.48
C30 VN5 C . 1.33 -2.85 -3.99
C4 VN5 C . -1.84 -5.89 -6.26
C5 VN5 C . -0.52 -5.76 -5.70
C6 VN5 C . 0.38 -6.81 -5.94
C7 VN5 C . -0.24 -4.56 -4.96
N8 VN5 C . -1.24 -3.64 -4.83
N9 VN5 C . 0.97 -4.24 -4.38
N10 VN5 C . -2.75 -4.95 -6.05
O21 VN5 C . -2.90 2.52 -7.14
N23 VN5 C . -1.75 -9.20 -7.98
N26 VN5 C . -2.71 -11.67 -9.15
C31 VN5 C . 0.63 -2.46 -2.67
N32 VN5 C . 0.67 -3.59 -1.75
S DMS D . 21.06 -13.98 -0.86
O DMS D . 19.92 -14.85 -0.36
C1 DMS D . 20.75 -12.37 -0.27
C2 DMS D . 22.37 -14.36 0.31
H11 DMS D . 21.24 -11.74 -0.80
H12 DMS D . 21.03 -12.31 0.65
H13 DMS D . 19.81 -12.19 -0.33
H21 DMS D . 23.12 -13.77 0.16
H22 DMS D . 22.64 -15.27 0.20
H23 DMS D . 22.03 -14.22 1.21
S DMS E . 5.65 4.68 4.95
O DMS E . 4.31 5.11 4.44
C1 DMS E . 5.61 4.94 6.70
C2 DMS E . 5.63 2.90 4.95
H11 DMS E . 6.52 4.96 7.05
H12 DMS E . 5.12 4.23 7.13
H13 DMS E . 5.18 5.78 6.89
H21 DMS E . 6.53 2.57 5.12
H22 DMS E . 5.33 2.58 4.09
H23 DMS E . 5.04 2.59 5.65
#